data_6DU5
#
_entry.id   6DU5
#
_cell.length_a   134.918
_cell.length_b   134.918
_cell.length_c   76.208
_cell.angle_alpha   90.00
_cell.angle_beta   90.00
_cell.angle_gamma   90.00
#
_symmetry.space_group_name_H-M   'P 41 21 2'
#
loop_
_entity.id
_entity.type
_entity.pdbx_description
1 polymer 'U6 small nuclear RNA (adenine-(43)-N(6))-methyltransferase'
2 polymer 'hp6-RNA (25-MER)'
#
loop_
_entity_poly.entity_id
_entity_poly.type
_entity_poly.pdbx_seq_one_letter_code
_entity_poly.pdbx_strand_id
1 'polypeptide(L)'
;GSG(MSE)ALSKS(MSE)HARNRYKDKPPDFAYLASKYPDFKQHVQINLNGRVSLNFKDPEAVRALTCTLLREDFGLSID
IPLERLIPTVPLRLNYIHWVEDLIGHQDSDKSTLRRGIDIGTGASCIYPLLGATLNGWYFLATEVDD(MSE)CFNYAKKN
VEQNNLSDLIKVVKVPQKTLL(MSE)DALKEESEIIYDFC(MSE)CNPPFFANQLEAKGVNSRNPRRPPPSSVNTGGITE
I(MSE)AEGGELEFVKRIIHDSLQLKKRLRWYSC(MSE)LGKKCSLAPLKEELRIQGVPKVTYTEFCQGRT(MSE)RWAL
AWSFYDDVTVPSPPSKRRKLEKPRK
;
A
2 'polyribonucleotide' GGCUGGUGUGGUACAGAGAAGCCAGCC B
#
# COMPACT_ATOMS: atom_id res chain seq x y z
N LYS A 8 -3.30 7.91 -18.92
CA LYS A 8 -3.60 7.31 -17.62
C LYS A 8 -3.69 8.40 -16.55
N SER A 9 -4.55 8.21 -15.57
CA SER A 9 -4.76 9.19 -14.51
C SER A 9 -4.84 8.48 -13.17
N HIS A 11 -6.72 7.85 -9.51
CA HIS A 11 -8.13 7.70 -9.22
C HIS A 11 -8.80 9.06 -9.21
N ALA A 12 -10.06 9.10 -9.68
CA ALA A 12 -10.75 10.37 -9.85
C ALA A 12 -10.73 11.21 -8.59
N ARG A 13 -10.84 10.57 -7.43
CA ARG A 13 -10.92 11.25 -6.15
C ARG A 13 -9.57 11.41 -5.46
N ASN A 14 -8.48 10.98 -6.11
CA ASN A 14 -7.15 11.17 -5.53
C ASN A 14 -6.84 12.66 -5.46
N ARG A 15 -6.45 13.12 -4.28
CA ARG A 15 -6.21 14.55 -4.08
C ARG A 15 -4.99 15.06 -4.83
N TYR A 16 -4.16 14.17 -5.37
CA TYR A 16 -2.99 14.58 -6.13
C TYR A 16 -3.20 14.46 -7.63
N LYS A 17 -4.37 14.01 -8.06
CA LYS A 17 -4.69 14.00 -9.49
C LYS A 17 -4.64 15.42 -10.04
N ASP A 18 -3.75 15.63 -11.00
CA ASP A 18 -3.51 16.94 -11.64
C ASP A 18 -3.06 18.00 -10.64
N LYS A 19 -2.67 17.61 -9.43
CA LYS A 19 -2.16 18.53 -8.42
C LYS A 19 -0.95 17.92 -7.74
N PRO A 20 0.20 17.87 -8.43
CA PRO A 20 1.41 17.41 -7.77
C PRO A 20 1.82 18.36 -6.66
N PRO A 21 2.43 17.85 -5.60
CA PRO A 21 2.88 18.74 -4.52
C PRO A 21 3.95 19.72 -5.02
N ASP A 22 3.97 20.90 -4.41
CA ASP A 22 4.96 21.93 -4.74
C ASP A 22 6.14 21.73 -3.79
N PHE A 23 7.22 21.14 -4.31
CA PHE A 23 8.39 20.89 -3.46
C PHE A 23 8.93 22.16 -2.84
N ALA A 24 9.00 23.25 -3.62
CA ALA A 24 9.55 24.50 -3.09
C ALA A 24 8.65 25.08 -2.00
N TYR A 25 7.33 24.98 -2.19
CA TYR A 25 6.42 25.42 -1.13
C TYR A 25 6.66 24.64 0.15
N LEU A 26 6.73 23.31 0.05
CA LEU A 26 6.96 22.48 1.23
C LEU A 26 8.31 22.77 1.84
N ALA A 27 9.33 22.95 0.99
CA ALA A 27 10.67 23.27 1.49
C ALA A 27 10.67 24.54 2.33
N SER A 28 9.95 25.57 1.88
CA SER A 28 9.89 26.82 2.62
C SER A 28 9.06 26.70 3.89
N LYS A 29 8.15 25.73 3.98
CA LYS A 29 7.31 25.56 5.15
C LYS A 29 7.85 24.54 6.15
N TYR A 30 8.63 23.55 5.70
CA TYR A 30 9.12 22.49 6.57
C TYR A 30 10.64 22.43 6.51
N PRO A 31 11.34 22.93 7.53
CA PRO A 31 12.81 22.88 7.51
C PRO A 31 13.38 21.48 7.43
N ASP A 32 12.73 20.50 8.05
CA ASP A 32 13.19 19.12 7.96
C ASP A 32 13.13 18.59 6.53
N PHE A 33 12.45 19.29 5.63
CA PHE A 33 12.27 18.85 4.25
C PHE A 33 13.16 19.58 3.26
N LYS A 34 13.35 20.89 3.44
CA LYS A 34 14.07 21.67 2.43
C LYS A 34 15.50 21.18 2.26
N GLN A 35 16.08 20.58 3.30
CA GLN A 35 17.41 20.01 3.23
C GLN A 35 17.57 19.02 2.08
N HIS A 36 16.47 18.55 1.51
CA HIS A 36 16.50 17.55 0.45
C HIS A 36 16.06 18.07 -0.91
N VAL A 37 15.47 19.26 -0.97
CA VAL A 37 15.04 19.83 -2.23
C VAL A 37 16.15 20.72 -2.79
N GLN A 38 16.30 20.69 -4.10
CA GLN A 38 17.18 21.61 -4.80
C GLN A 38 16.44 22.16 -6.01
N ILE A 39 16.63 23.44 -6.28
CA ILE A 39 16.03 24.10 -7.43
C ILE A 39 17.15 24.43 -8.39
N ASN A 40 17.01 23.96 -9.63
CA ASN A 40 18.02 24.23 -10.64
C ASN A 40 17.82 25.57 -11.32
N LEU A 41 18.92 26.27 -11.48
CA LEU A 41 19.17 27.38 -12.39
C LEU A 41 18.03 27.66 -13.37
N ASN A 42 17.58 26.65 -14.11
CA ASN A 42 16.48 26.85 -15.05
C ASN A 42 15.13 26.96 -14.37
N GLY A 43 15.04 26.74 -13.07
CA GLY A 43 13.84 27.04 -12.32
C GLY A 43 12.95 25.87 -11.96
N ARG A 44 13.49 24.65 -11.91
CA ARG A 44 12.69 23.48 -11.59
C ARG A 44 13.23 22.77 -10.35
N VAL A 45 12.31 22.17 -9.60
CA VAL A 45 12.59 21.57 -8.30
C VAL A 45 12.64 20.06 -8.48
N SER A 46 13.54 19.41 -7.74
CA SER A 46 13.65 17.96 -7.78
C SER A 46 14.05 17.44 -6.41
N LEU A 47 13.68 16.19 -6.18
CA LEU A 47 14.27 15.36 -5.13
C LEU A 47 15.11 14.28 -5.79
N ASN A 48 16.08 13.77 -5.04
CA ASN A 48 16.78 12.55 -5.42
C ASN A 48 15.99 11.41 -4.77
N PHE A 49 15.06 10.85 -5.53
CA PHE A 49 14.22 9.78 -5.01
C PHE A 49 15.02 8.50 -4.74
N LYS A 50 16.29 8.46 -5.16
CA LYS A 50 17.18 7.37 -4.79
C LYS A 50 17.79 7.54 -3.40
N ASP A 51 17.45 8.62 -2.69
CA ASP A 51 17.97 8.83 -1.34
C ASP A 51 16.87 8.45 -0.36
N PRO A 52 17.06 7.41 0.46
CA PRO A 52 16.03 7.03 1.42
C PRO A 52 15.58 8.17 2.33
N GLU A 53 16.52 9.00 2.79
CA GLU A 53 16.16 10.09 3.68
C GLU A 53 15.28 11.12 2.97
N ALA A 54 15.50 11.32 1.68
CA ALA A 54 14.70 12.29 0.93
C ALA A 54 13.28 11.80 0.73
N VAL A 55 13.12 10.52 0.39
CA VAL A 55 11.78 9.98 0.15
C VAL A 55 11.01 9.88 1.46
N ARG A 56 11.67 9.46 2.54
CA ARG A 56 11.02 9.48 3.85
C ARG A 56 10.58 10.89 4.21
N ALA A 57 11.44 11.88 3.96
CA ALA A 57 11.08 13.27 4.21
C ALA A 57 9.84 13.67 3.43
N LEU A 58 9.79 13.30 2.15
CA LEU A 58 8.64 13.68 1.31
C LEU A 58 7.36 13.04 1.81
N THR A 59 7.39 11.72 2.00
CA THR A 59 6.19 11.01 2.45
C THR A 59 5.72 11.53 3.80
N CYS A 60 6.66 11.70 4.74
CA CYS A 60 6.30 12.22 6.05
C CYS A 60 5.77 13.64 5.96
N THR A 61 6.36 14.45 5.07
CA THR A 61 5.90 15.83 4.92
C THR A 61 4.53 15.89 4.26
N LEU A 62 4.30 15.07 3.23
CA LEU A 62 3.00 15.04 2.58
C LEU A 62 1.92 14.61 3.56
N LEU A 63 2.24 13.68 4.46
CA LEU A 63 1.23 13.18 5.40
C LEU A 63 0.88 14.20 6.46
N ARG A 64 1.83 15.06 6.83
CA ARG A 64 1.53 16.11 7.80
C ARG A 64 0.79 17.27 7.16
N GLU A 65 1.22 17.70 5.98
CA GLU A 65 0.66 18.90 5.36
C GLU A 65 -0.72 18.63 4.75
N ASP A 66 -0.94 17.45 4.17
CA ASP A 66 -2.19 17.18 3.48
C ASP A 66 -3.17 16.31 4.27
N PHE A 67 -2.70 15.63 5.32
CA PHE A 67 -3.57 14.75 6.08
C PHE A 67 -3.47 14.93 7.60
N GLY A 68 -2.60 15.82 8.08
CA GLY A 68 -2.51 16.06 9.50
C GLY A 68 -1.93 14.91 10.30
N LEU A 69 -1.21 14.01 9.66
CA LEU A 69 -0.63 12.85 10.33
C LEU A 69 0.88 13.06 10.49
N SER A 70 1.37 12.82 11.70
CA SER A 70 2.80 12.86 12.01
C SER A 70 3.27 11.44 12.21
N ILE A 71 4.06 10.92 11.26
CA ILE A 71 4.56 9.56 11.34
C ILE A 71 6.08 9.56 11.41
N ASP A 72 6.60 8.50 12.00
CA ASP A 72 8.03 8.28 12.15
C ASP A 72 8.33 6.87 11.63
N ILE A 73 9.12 6.77 10.57
CA ILE A 73 9.42 5.48 9.97
C ILE A 73 10.93 5.33 9.81
N PRO A 74 11.45 4.10 9.84
CA PRO A 74 12.89 3.89 9.69
C PRO A 74 13.31 3.74 8.24
N LEU A 75 14.60 4.01 8.01
CA LEU A 75 15.18 3.86 6.68
C LEU A 75 15.41 2.40 6.30
N GLU A 76 15.26 1.46 7.24
CA GLU A 76 15.52 0.06 6.99
C GLU A 76 14.26 -0.72 6.58
N ARG A 77 13.12 -0.06 6.45
CA ARG A 77 11.91 -0.70 5.96
C ARG A 77 11.35 0.10 4.80
N LEU A 78 10.32 -0.45 4.16
CA LEU A 78 9.65 0.25 3.07
C LEU A 78 9.22 1.64 3.49
N ILE A 79 9.52 2.61 2.65
CA ILE A 79 8.99 3.97 2.79
C ILE A 79 7.83 4.11 1.82
N PRO A 80 6.59 4.12 2.29
CA PRO A 80 5.45 4.19 1.36
C PRO A 80 5.42 5.50 0.62
N THR A 81 4.73 5.47 -0.52
CA THR A 81 4.52 6.67 -1.33
C THR A 81 3.04 6.99 -1.32
N VAL A 82 2.71 8.23 -0.98
CA VAL A 82 1.33 8.60 -0.66
C VAL A 82 0.39 8.44 -1.85
N PRO A 83 0.70 8.94 -3.06
CA PRO A 83 -0.29 8.84 -4.14
C PRO A 83 -0.69 7.42 -4.48
N LEU A 84 0.26 6.49 -4.51
CA LEU A 84 -0.08 5.09 -4.78
C LEU A 84 -1.01 4.55 -3.71
N ARG A 85 -0.67 4.75 -2.44
CA ARG A 85 -1.50 4.25 -1.36
C ARG A 85 -2.89 4.88 -1.39
N LEU A 86 -2.97 6.14 -1.81
CA LEU A 86 -4.27 6.80 -1.93
C LEU A 86 -5.11 6.19 -3.04
N ASN A 87 -4.47 5.72 -4.12
CA ASN A 87 -5.20 5.09 -5.20
C ASN A 87 -5.84 3.78 -4.75
N TYR A 88 -5.21 3.09 -3.81
CA TYR A 88 -5.77 1.85 -3.27
C TYR A 88 -6.90 2.14 -2.29
N ILE A 89 -6.73 3.18 -1.47
CA ILE A 89 -7.77 3.59 -0.53
C ILE A 89 -9.05 3.94 -1.27
N HIS A 90 -8.93 4.73 -2.34
CA HIS A 90 -10.11 5.18 -3.06
C HIS A 90 -10.78 4.03 -3.80
N TRP A 91 -10.03 3.00 -4.19
CA TRP A 91 -10.62 1.85 -4.86
C TRP A 91 -11.43 1.00 -3.90
N VAL A 92 -10.95 0.86 -2.66
CA VAL A 92 -11.73 0.16 -1.64
C VAL A 92 -13.01 0.93 -1.33
N GLU A 93 -12.93 2.26 -1.32
CA GLU A 93 -14.12 3.08 -1.18
C GLU A 93 -15.16 2.71 -2.24
N ASP A 94 -14.71 2.51 -3.47
CA ASP A 94 -15.61 2.08 -4.53
C ASP A 94 -16.11 0.67 -4.30
N LEU A 95 -15.25 -0.21 -3.78
CA LEU A 95 -15.62 -1.60 -3.59
C LEU A 95 -16.74 -1.75 -2.58
N ILE A 96 -16.58 -1.14 -1.40
CA ILE A 96 -17.54 -1.34 -0.31
C ILE A 96 -18.71 -0.39 -0.37
N GLY A 97 -18.72 0.55 -1.32
CA GLY A 97 -19.84 1.47 -1.44
C GLY A 97 -19.81 2.61 -0.44
N HIS A 98 -18.72 3.36 -0.43
CA HIS A 98 -18.58 4.49 0.48
C HIS A 98 -19.09 5.78 -0.15
N THR A 105 -22.92 4.51 9.94
CA THR A 105 -22.66 3.08 9.83
C THR A 105 -21.16 2.82 9.81
N LEU A 106 -20.70 1.87 10.63
CA LEU A 106 -19.28 1.61 10.78
C LEU A 106 -18.81 0.54 9.79
N ARG A 107 -17.65 0.80 9.17
CA ARG A 107 -17.00 -0.14 8.29
C ARG A 107 -15.66 -0.58 8.90
N ARG A 108 -15.37 -1.87 8.80
CA ARG A 108 -14.16 -2.44 9.36
C ARG A 108 -13.32 -3.07 8.25
N GLY A 109 -11.99 -2.98 8.42
CA GLY A 109 -11.08 -3.54 7.46
C GLY A 109 -9.93 -4.27 8.14
N ILE A 110 -9.21 -5.03 7.33
CA ILE A 110 -8.00 -5.73 7.78
C ILE A 110 -6.86 -5.38 6.83
N ASP A 111 -5.73 -4.97 7.39
CA ASP A 111 -4.54 -4.65 6.60
C ASP A 111 -3.49 -5.71 6.93
N ILE A 112 -3.20 -6.56 5.95
CA ILE A 112 -2.25 -7.66 6.12
C ILE A 112 -0.87 -7.13 5.79
N GLY A 113 -0.01 -7.06 6.80
CA GLY A 113 1.32 -6.50 6.62
C GLY A 113 1.24 -4.99 6.46
N THR A 114 0.91 -4.30 7.54
CA THR A 114 0.62 -2.88 7.50
C THR A 114 1.86 -2.02 7.34
N GLY A 115 3.06 -2.58 7.51
CA GLY A 115 4.29 -1.83 7.36
C GLY A 115 4.59 -0.96 8.56
N ALA A 116 5.80 -0.40 8.55
CA ALA A 116 6.23 0.46 9.64
C ALA A 116 5.39 1.73 9.72
N SER A 117 4.82 2.16 8.60
CA SER A 117 4.03 3.38 8.57
C SER A 117 2.58 3.17 8.99
N CYS A 118 2.07 1.95 8.86
CA CYS A 118 0.65 1.68 9.10
C CYS A 118 -0.21 2.62 8.26
N ILE A 119 0.19 2.81 6.99
CA ILE A 119 -0.33 3.91 6.20
C ILE A 119 -1.75 3.64 5.72
N TYR A 120 -2.06 2.38 5.38
CA TYR A 120 -3.43 2.06 5.00
C TYR A 120 -4.41 2.30 6.14
N PRO A 121 -4.16 1.84 7.37
CA PRO A 121 -5.11 2.16 8.46
C PRO A 121 -5.17 3.65 8.76
N LEU A 122 -4.02 4.32 8.86
CA LEU A 122 -4.03 5.74 9.19
C LEU A 122 -4.82 6.55 8.16
N LEU A 123 -4.65 6.22 6.87
CA LEU A 123 -5.41 6.93 5.84
C LEU A 123 -6.89 6.57 5.90
N GLY A 124 -7.20 5.28 5.94
CA GLY A 124 -8.60 4.87 5.98
C GLY A 124 -9.33 5.39 7.20
N ALA A 125 -8.67 5.39 8.35
CA ALA A 125 -9.29 5.92 9.56
C ALA A 125 -9.44 7.43 9.47
N THR A 126 -8.42 8.12 8.95
CA THR A 126 -8.46 9.58 8.89
C THR A 126 -9.51 10.05 7.89
N LEU A 127 -9.54 9.44 6.70
CA LEU A 127 -10.42 9.92 5.65
C LEU A 127 -11.87 9.48 5.90
N ASN A 128 -12.08 8.27 6.38
CA ASN A 128 -13.41 7.68 6.39
C ASN A 128 -13.83 7.14 7.75
N GLY A 129 -13.02 7.27 8.79
CA GLY A 129 -13.38 6.73 10.09
C GLY A 129 -13.39 5.22 10.17
N TRP A 130 -12.73 4.55 9.22
CA TRP A 130 -12.75 3.09 9.18
C TRP A 130 -12.05 2.51 10.38
N TYR A 131 -12.54 1.35 10.85
CA TYR A 131 -11.83 0.57 11.83
C TYR A 131 -10.91 -0.40 11.12
N PHE A 132 -9.71 -0.58 11.66
CA PHE A 132 -8.70 -1.47 11.07
C PHE A 132 -8.17 -2.46 12.09
N LEU A 133 -8.06 -3.71 11.65
CA LEU A 133 -7.17 -4.69 12.24
C LEU A 133 -5.92 -4.73 11.36
N ALA A 134 -4.82 -4.18 11.86
CA ALA A 134 -3.57 -4.07 11.12
C ALA A 134 -2.58 -5.09 11.67
N THR A 135 -2.20 -6.06 10.84
CA THR A 135 -1.30 -7.12 11.27
C THR A 135 0.10 -6.88 10.72
N GLU A 136 1.09 -7.47 11.39
CA GLU A 136 2.48 -7.35 11.00
C GLU A 136 3.26 -8.54 11.54
N VAL A 137 4.23 -9.02 10.76
CA VAL A 137 5.06 -10.13 11.19
C VAL A 137 6.44 -9.68 11.66
N ASP A 138 6.87 -8.47 11.31
CA ASP A 138 8.21 -8.01 11.59
C ASP A 138 8.21 -7.14 12.84
N ASP A 139 9.10 -7.47 13.79
CA ASP A 139 9.19 -6.72 15.04
C ASP A 139 9.39 -5.24 14.81
N CYS A 141 8.65 -3.33 12.17
CA CYS A 141 7.46 -2.69 11.60
C CYS A 141 6.34 -2.63 12.61
N PHE A 142 6.14 -3.70 13.39
CA PHE A 142 5.07 -3.74 14.36
C PHE A 142 5.21 -2.62 15.39
N ASN A 143 6.42 -2.41 15.90
CA ASN A 143 6.67 -1.32 16.85
C ASN A 143 6.32 0.02 16.21
N TYR A 144 6.98 0.34 15.10
CA TYR A 144 6.75 1.63 14.43
C TYR A 144 5.28 1.83 14.07
N ALA A 145 4.57 0.75 13.76
CA ALA A 145 3.15 0.86 13.45
C ALA A 145 2.36 1.23 14.69
N LYS A 146 2.61 0.54 15.81
CA LYS A 146 1.97 0.91 17.08
C LYS A 146 2.21 2.36 17.43
N LYS A 147 3.48 2.79 17.41
CA LYS A 147 3.81 4.15 17.77
C LYS A 147 3.11 5.16 16.87
N ASN A 148 3.02 4.84 15.57
CA ASN A 148 2.39 5.77 14.64
C ASN A 148 0.89 5.85 14.86
N VAL A 149 0.28 4.76 15.32
CA VAL A 149 -1.14 4.79 15.65
C VAL A 149 -1.37 5.58 16.92
N GLU A 150 -0.51 5.40 17.92
CA GLU A 150 -0.69 6.07 19.21
C GLU A 150 -0.43 7.57 19.08
N GLN A 151 0.64 7.97 18.39
CA GLN A 151 0.96 9.39 18.34
C GLN A 151 -0.01 10.19 17.48
N ASN A 152 -0.89 9.53 16.73
CA ASN A 152 -1.98 10.20 16.02
C ASN A 152 -3.32 9.94 16.67
N ASN A 153 -3.34 9.40 17.89
CA ASN A 153 -4.54 9.29 18.71
C ASN A 153 -5.62 8.48 18.01
N LEU A 154 -5.22 7.36 17.40
CA LEU A 154 -6.13 6.53 16.62
C LEU A 154 -6.21 5.11 17.16
N SER A 155 -5.82 4.90 18.42
CA SER A 155 -5.84 3.55 18.99
C SER A 155 -7.26 3.02 19.09
N ASP A 156 -8.25 3.91 19.13
CA ASP A 156 -9.65 3.47 19.13
C ASP A 156 -9.99 2.76 17.83
N LEU A 157 -9.60 3.34 16.70
CA LEU A 157 -9.98 2.85 15.39
C LEU A 157 -9.04 1.79 14.84
N ILE A 158 -7.74 1.87 15.18
CA ILE A 158 -6.72 1.02 14.57
C ILE A 158 -6.12 0.16 15.66
N LYS A 159 -6.07 -1.16 15.41
CA LYS A 159 -5.54 -2.12 16.38
C LYS A 159 -4.43 -2.90 15.69
N VAL A 160 -3.20 -2.58 16.05
CA VAL A 160 -2.03 -3.20 15.44
C VAL A 160 -1.69 -4.47 16.22
N VAL A 161 -1.46 -5.57 15.50
CA VAL A 161 -1.13 -6.84 16.12
C VAL A 161 0.09 -7.44 15.45
N LYS A 162 0.85 -8.19 16.23
CA LYS A 162 1.95 -8.99 15.72
C LYS A 162 1.48 -10.43 15.56
N VAL A 163 1.67 -10.97 14.36
CA VAL A 163 1.22 -12.32 14.03
C VAL A 163 2.41 -13.09 13.50
N PRO A 164 2.37 -14.44 13.56
CA PRO A 164 3.51 -15.22 13.05
C PRO A 164 3.56 -15.28 11.54
N GLN A 165 2.41 -15.16 10.88
CA GLN A 165 2.33 -15.29 9.43
C GLN A 165 1.38 -14.24 8.85
N LYS A 166 1.75 -13.69 7.70
CA LYS A 166 0.85 -12.85 6.92
C LYS A 166 -0.24 -13.75 6.34
N THR A 167 -1.38 -13.81 7.01
CA THR A 167 -2.47 -14.67 6.60
C THR A 167 -3.78 -14.08 7.09
N LEU A 168 -4.88 -14.56 6.51
CA LEU A 168 -6.21 -14.22 7.00
C LEU A 168 -6.68 -15.15 8.11
N LEU A 169 -6.08 -16.34 8.20
CA LEU A 169 -6.48 -17.34 9.18
C LEU A 169 -5.89 -16.94 10.54
N ASP A 171 -6.34 -15.90 14.96
CA ASP A 171 -7.02 -16.02 16.24
C ASP A 171 -7.88 -14.79 16.51
N ILE A 180 -19.34 -8.69 10.94
CA ILE A 180 -19.07 -8.91 9.54
C ILE A 180 -18.14 -7.79 9.00
N TYR A 181 -17.06 -8.19 8.36
CA TYR A 181 -16.04 -7.25 7.91
C TYR A 181 -16.25 -6.88 6.44
N ASP A 182 -15.97 -5.61 6.13
CA ASP A 182 -16.28 -5.03 4.84
C ASP A 182 -15.19 -5.25 3.81
N PHE A 183 -13.93 -5.31 4.23
CA PHE A 183 -12.86 -5.47 3.26
C PHE A 183 -11.58 -5.92 3.96
N CYS A 184 -10.63 -6.39 3.17
CA CYS A 184 -9.25 -6.53 3.59
C CYS A 184 -8.36 -5.92 2.51
N CYS A 186 -4.03 -5.59 1.20
CA CYS A 186 -2.72 -6.20 1.37
C CYS A 186 -1.75 -5.69 0.31
N ASN A 187 -0.60 -5.23 0.79
CA ASN A 187 0.64 -5.15 0.01
C ASN A 187 1.36 -6.50 0.13
N PRO A 188 1.17 -7.41 -0.82
CA PRO A 188 1.89 -8.67 -0.75
C PRO A 188 3.35 -8.46 -1.13
N PRO A 189 4.25 -9.31 -0.66
CA PRO A 189 5.62 -9.27 -1.16
C PRO A 189 5.64 -9.57 -2.65
N PHE A 190 6.27 -8.67 -3.41
CA PHE A 190 6.26 -8.81 -4.87
C PHE A 190 7.06 -10.02 -5.32
N PHE A 191 8.22 -10.22 -4.73
CA PHE A 191 9.30 -10.99 -5.34
C PHE A 191 9.44 -12.34 -4.67
N ALA A 192 10.09 -13.27 -5.39
CA ALA A 192 10.30 -14.63 -4.89
C ALA A 192 11.73 -14.93 -4.47
N ASN A 193 12.71 -14.24 -5.05
CA ASN A 193 14.11 -14.46 -4.72
C ASN A 193 14.82 -13.11 -4.70
N GLN A 194 16.11 -13.14 -4.39
CA GLN A 194 16.87 -11.92 -4.29
C GLN A 194 17.06 -11.25 -5.65
N LEU A 195 17.26 -12.05 -6.70
CA LEU A 195 17.45 -11.49 -8.04
C LEU A 195 16.24 -10.69 -8.47
N GLU A 196 15.04 -11.19 -8.15
CA GLU A 196 13.83 -10.40 -8.38
C GLU A 196 13.80 -9.15 -7.51
N ALA A 197 14.16 -9.29 -6.23
CA ALA A 197 14.19 -8.16 -5.31
C ALA A 197 15.21 -7.11 -5.72
N LYS A 198 16.13 -7.43 -6.61
CA LYS A 198 17.06 -6.47 -7.15
C LYS A 198 16.75 -6.09 -8.59
N GLY A 199 15.88 -6.83 -9.27
CA GLY A 199 15.53 -6.54 -10.66
C GLY A 199 16.62 -6.83 -11.67
N VAL A 200 17.55 -7.77 -11.39
CA VAL A 200 18.54 -8.15 -12.39
C VAL A 200 17.96 -9.04 -13.47
N ASN A 201 16.68 -9.39 -13.36
CA ASN A 201 15.96 -10.11 -14.42
C ASN A 201 15.61 -9.14 -15.54
N SER A 202 16.59 -8.39 -16.01
CA SER A 202 16.38 -7.36 -17.02
C SER A 202 17.01 -7.79 -18.34
N ARG A 203 16.23 -7.70 -19.41
CA ARG A 203 16.64 -8.16 -20.74
C ARG A 203 17.98 -7.58 -21.16
N ASN A 204 18.02 -6.28 -21.39
CA ASN A 204 19.13 -5.52 -21.92
C ASN A 204 19.95 -4.92 -20.78
N PRO A 205 21.26 -5.14 -20.73
CA PRO A 205 22.03 -4.64 -19.56
C PRO A 205 22.07 -3.12 -19.45
N ARG A 206 22.08 -2.40 -20.58
CA ARG A 206 21.98 -0.94 -20.56
C ARG A 206 20.55 -0.44 -20.35
N ARG A 207 19.69 -1.29 -19.79
CA ARG A 207 18.39 -0.85 -19.32
C ARG A 207 18.55 0.31 -18.35
N PRO A 208 17.65 1.30 -18.40
CA PRO A 208 17.70 2.40 -17.43
C PRO A 208 17.32 1.90 -16.05
N PRO A 209 17.98 2.39 -15.02
CA PRO A 209 17.63 2.00 -13.65
C PRO A 209 16.37 2.71 -13.20
N PRO A 210 15.75 2.27 -12.10
CA PRO A 210 14.56 2.96 -11.60
C PRO A 210 14.94 4.27 -10.91
N SER A 211 13.93 5.10 -10.68
CA SER A 211 14.12 6.37 -10.01
C SER A 211 13.95 6.26 -8.49
N SER A 212 13.47 5.12 -7.99
CA SER A 212 13.13 4.94 -6.58
C SER A 212 14.15 4.03 -5.90
N VAL A 213 13.90 3.75 -4.62
CA VAL A 213 14.67 2.78 -3.86
C VAL A 213 13.68 1.75 -3.31
N ASN A 214 14.19 0.56 -3.09
CA ASN A 214 13.47 -0.47 -2.35
C ASN A 214 14.21 -0.65 -1.03
N THR A 215 13.72 0.01 0.00
CA THR A 215 14.28 -0.08 1.35
C THR A 215 13.60 -1.15 2.18
N GLY A 216 12.71 -1.93 1.58
CA GLY A 216 11.85 -2.79 2.37
C GLY A 216 12.62 -3.90 3.05
N GLY A 217 12.03 -4.38 4.15
CA GLY A 217 12.55 -5.54 4.83
C GLY A 217 12.25 -6.81 4.08
N ILE A 218 12.85 -7.90 4.56
CA ILE A 218 12.75 -9.17 3.85
C ILE A 218 11.32 -9.71 3.87
N THR A 219 10.56 -9.47 4.93
CA THR A 219 9.18 -9.91 4.98
C THR A 219 8.24 -8.94 4.28
N GLU A 220 8.70 -7.73 3.96
CA GLU A 220 7.90 -6.79 3.21
C GLU A 220 7.97 -7.04 1.71
N ILE A 221 9.11 -7.51 1.21
CA ILE A 221 9.40 -7.47 -0.21
C ILE A 221 9.53 -8.85 -0.85
N ALA A 223 8.60 -13.36 -0.53
CA ALA A 223 7.90 -14.47 0.10
C ALA A 223 8.13 -15.70 -0.74
N GLU A 224 7.75 -16.85 -0.19
CA GLU A 224 7.90 -18.11 -0.91
C GLU A 224 7.00 -18.09 -2.14
N GLY A 225 7.61 -18.25 -3.32
CA GLY A 225 6.83 -18.29 -4.54
C GLY A 225 6.34 -16.94 -5.02
N GLY A 226 6.87 -15.85 -4.47
CA GLY A 226 6.50 -14.54 -4.92
C GLY A 226 5.05 -14.20 -4.61
N GLU A 227 4.62 -13.08 -5.17
CA GLU A 227 3.25 -12.61 -4.92
C GLU A 227 2.22 -13.56 -5.51
N LEU A 228 2.58 -14.31 -6.56
CA LEU A 228 1.67 -15.30 -7.12
C LEU A 228 1.25 -16.31 -6.07
N GLU A 229 2.22 -16.96 -5.42
CA GLU A 229 1.89 -17.96 -4.42
C GLU A 229 1.36 -17.33 -3.15
N PHE A 230 1.84 -16.13 -2.80
CA PHE A 230 1.32 -15.43 -1.63
C PHE A 230 -0.17 -15.14 -1.78
N VAL A 231 -0.56 -14.62 -2.95
CA VAL A 231 -1.98 -14.31 -3.16
C VAL A 231 -2.81 -15.58 -3.25
N LYS A 232 -2.25 -16.66 -3.81
CA LYS A 232 -2.94 -17.95 -3.79
C LYS A 232 -3.22 -18.39 -2.36
N ARG A 233 -2.25 -18.18 -1.46
CA ARG A 233 -2.46 -18.44 -0.04
C ARG A 233 -3.67 -17.68 0.47
N ILE A 234 -3.76 -16.39 0.11
CA ILE A 234 -4.85 -15.55 0.57
C ILE A 234 -6.17 -16.00 -0.04
N ILE A 235 -6.14 -16.42 -1.30
CA ILE A 235 -7.34 -16.94 -1.95
C ILE A 235 -7.84 -18.18 -1.20
N HIS A 236 -6.93 -19.07 -0.83
CA HIS A 236 -7.33 -20.28 -0.11
C HIS A 236 -7.79 -19.96 1.30
N ASP A 237 -7.25 -18.90 1.92
CA ASP A 237 -7.76 -18.44 3.20
C ASP A 237 -9.20 -17.94 3.05
N SER A 238 -9.48 -17.19 1.98
CA SER A 238 -10.81 -16.65 1.75
C SER A 238 -11.85 -17.75 1.50
N LEU A 239 -11.41 -18.92 1.01
CA LEU A 239 -12.34 -20.01 0.76
C LEU A 239 -12.88 -20.63 2.05
N GLN A 240 -12.14 -20.52 3.14
CA GLN A 240 -12.62 -20.98 4.44
C GLN A 240 -13.43 -19.93 5.17
N LEU A 241 -13.13 -18.65 4.95
CA LEU A 241 -13.84 -17.55 5.61
C LEU A 241 -15.08 -17.14 4.84
N LYS A 242 -14.99 -17.09 3.51
CA LYS A 242 -16.10 -16.76 2.62
C LYS A 242 -16.81 -15.47 3.01
N LYS A 243 -17.93 -15.60 3.73
CA LYS A 243 -18.81 -14.47 4.00
C LYS A 243 -18.39 -13.68 5.23
N ARG A 244 -17.36 -14.12 5.96
CA ARG A 244 -16.89 -13.36 7.11
C ARG A 244 -16.39 -11.98 6.70
N LEU A 245 -15.77 -11.88 5.53
CA LEU A 245 -15.43 -10.60 4.92
C LEU A 245 -16.29 -10.38 3.69
N ARG A 246 -16.68 -9.13 3.47
CA ARG A 246 -17.50 -8.82 2.30
C ARG A 246 -16.68 -8.73 1.03
N TRP A 247 -15.53 -8.05 1.09
CA TRP A 247 -14.62 -7.96 -0.04
C TRP A 247 -13.22 -8.38 0.39
N TYR A 248 -12.57 -9.17 -0.45
CA TYR A 248 -11.16 -9.47 -0.33
C TYR A 248 -10.42 -8.71 -1.42
N SER A 249 -9.22 -8.22 -1.11
CA SER A 249 -8.46 -7.48 -2.10
C SER A 249 -6.96 -7.57 -1.80
N CYS A 250 -6.18 -7.64 -2.87
CA CYS A 250 -4.72 -7.58 -2.80
C CYS A 250 -4.21 -6.71 -3.93
N LEU A 252 -1.22 -6.02 -6.71
CA LEU A 252 -0.26 -6.84 -7.44
C LEU A 252 0.86 -5.93 -7.95
N GLY A 253 2.10 -6.33 -7.72
CA GLY A 253 3.24 -5.56 -8.20
C GLY A 253 3.63 -5.87 -9.63
N LYS A 254 3.28 -7.06 -10.11
CA LYS A 254 3.64 -7.51 -11.44
C LYS A 254 2.37 -7.68 -12.27
N LYS A 255 2.36 -7.09 -13.47
CA LYS A 255 1.22 -7.31 -14.36
C LYS A 255 1.03 -8.78 -14.65
N CYS A 256 2.13 -9.51 -14.81
CA CYS A 256 2.05 -10.92 -15.18
C CYS A 256 1.35 -11.77 -14.13
N SER A 257 1.08 -11.23 -12.94
CA SER A 257 0.41 -11.99 -11.90
C SER A 257 -1.11 -11.96 -12.04
N LEU A 258 -1.65 -11.03 -12.83
CA LEU A 258 -3.09 -10.80 -12.81
C LEU A 258 -3.85 -11.97 -13.45
N ALA A 259 -3.42 -12.40 -14.64
CA ALA A 259 -4.14 -13.47 -15.33
C ALA A 259 -4.13 -14.80 -14.58
N PRO A 260 -2.98 -15.32 -14.12
CA PRO A 260 -3.04 -16.62 -13.41
C PRO A 260 -3.80 -16.56 -12.11
N LEU A 261 -3.88 -15.38 -11.48
CA LEU A 261 -4.64 -15.27 -10.24
C LEU A 261 -6.13 -15.21 -10.50
N LYS A 262 -6.53 -14.50 -11.57
CA LYS A 262 -7.93 -14.54 -11.99
C LYS A 262 -8.35 -15.96 -12.34
N GLU A 263 -7.44 -16.73 -12.95
CA GLU A 263 -7.73 -18.12 -13.27
C GLU A 263 -7.85 -18.98 -12.01
N GLU A 264 -7.02 -18.71 -10.99
CA GLU A 264 -7.17 -19.46 -9.73
C GLU A 264 -8.49 -19.13 -9.05
N LEU A 265 -8.95 -17.89 -9.15
CA LEU A 265 -10.27 -17.55 -8.61
C LEU A 265 -11.38 -18.25 -9.37
N ARG A 266 -11.21 -18.39 -10.69
CA ARG A 266 -12.21 -19.05 -11.51
C ARG A 266 -12.27 -20.55 -11.22
N ILE A 267 -11.12 -21.20 -11.08
CA ILE A 267 -11.10 -22.64 -10.84
C ILE A 267 -11.67 -22.97 -9.47
N GLN A 268 -11.49 -22.09 -8.49
CA GLN A 268 -12.03 -22.30 -7.15
C GLN A 268 -13.49 -21.89 -7.01
N GLY A 269 -14.10 -21.36 -8.07
CA GLY A 269 -15.52 -21.07 -8.04
C GLY A 269 -15.92 -19.86 -7.22
N VAL A 270 -15.14 -18.77 -7.31
CA VAL A 270 -15.49 -17.53 -6.64
C VAL A 270 -16.40 -16.72 -7.57
N PRO A 271 -17.57 -16.27 -7.09
CA PRO A 271 -18.57 -15.71 -8.02
C PRO A 271 -18.28 -14.31 -8.54
N LYS A 272 -17.83 -13.41 -7.67
CA LYS A 272 -17.59 -12.02 -8.03
C LYS A 272 -16.09 -11.73 -8.00
N VAL A 273 -15.56 -11.25 -9.12
CA VAL A 273 -14.13 -10.93 -9.27
C VAL A 273 -14.00 -9.64 -10.08
N THR A 274 -13.12 -8.75 -9.65
CA THR A 274 -12.79 -7.56 -10.42
C THR A 274 -11.36 -7.14 -10.12
N TYR A 275 -10.90 -6.13 -10.86
CA TYR A 275 -9.52 -5.67 -10.77
C TYR A 275 -9.46 -4.23 -11.25
N THR A 276 -8.32 -3.59 -11.05
CA THR A 276 -8.12 -2.22 -11.48
C THR A 276 -6.64 -1.97 -11.67
N GLU A 277 -6.32 -0.76 -12.13
CA GLU A 277 -4.96 -0.28 -12.26
C GLU A 277 -4.74 0.89 -11.33
N PHE A 278 -3.59 0.94 -10.68
CA PHE A 278 -3.17 2.09 -9.88
C PHE A 278 -2.15 2.86 -10.68
N CYS A 279 -2.54 4.02 -11.19
CA CYS A 279 -1.71 4.82 -12.09
C CYS A 279 -1.16 6.03 -11.35
N GLN A 280 0.17 6.08 -11.24
CA GLN A 280 0.87 7.22 -10.65
C GLN A 280 2.31 7.19 -11.13
N GLY A 281 2.76 8.31 -11.70
CA GLY A 281 4.11 8.32 -12.25
C GLY A 281 4.26 7.32 -13.37
N ARG A 282 5.41 6.64 -13.40
CA ARG A 282 5.67 5.67 -14.45
C ARG A 282 5.47 4.23 -13.99
N THR A 283 5.75 3.92 -12.72
CA THR A 283 5.45 2.60 -12.18
C THR A 283 3.96 2.47 -11.96
N ARG A 285 0.70 -0.04 -10.75
CA ARG A 285 0.38 -1.19 -9.95
C ARG A 285 -1.03 -1.68 -10.29
N TRP A 286 -1.29 -2.93 -9.91
CA TRP A 286 -2.57 -3.58 -10.19
C TRP A 286 -3.13 -4.11 -8.89
N ALA A 287 -4.43 -4.41 -8.90
CA ALA A 287 -5.09 -4.94 -7.72
C ALA A 287 -6.23 -5.85 -8.16
N LEU A 288 -6.59 -6.76 -7.26
CA LEU A 288 -7.57 -7.81 -7.55
C LEU A 288 -8.50 -7.95 -6.36
N ALA A 289 -9.81 -8.03 -6.63
CA ALA A 289 -10.81 -8.12 -5.57
C ALA A 289 -11.82 -9.19 -5.91
N TRP A 290 -12.38 -9.80 -4.87
CA TRP A 290 -13.35 -10.86 -5.06
C TRP A 290 -14.26 -10.96 -3.83
N SER A 291 -15.45 -11.54 -4.05
CA SER A 291 -16.49 -11.58 -3.03
C SER A 291 -17.31 -12.85 -3.20
N PHE A 292 -17.90 -13.29 -2.09
CA PHE A 292 -18.80 -14.44 -2.08
C PHE A 292 -20.26 -14.05 -1.88
N TYR A 293 -20.53 -12.78 -1.59
CA TYR A 293 -21.89 -12.27 -1.54
C TYR A 293 -22.44 -12.08 -2.95
N ASP A 294 -23.76 -12.04 -3.05
CA ASP A 294 -24.44 -11.83 -4.31
C ASP A 294 -25.24 -10.54 -4.32
N ASP A 295 -25.20 -9.77 -3.24
CA ASP A 295 -25.85 -8.45 -3.20
C ASP A 295 -24.90 -7.36 -3.67
N VAL A 296 -23.61 -7.53 -3.41
CA VAL A 296 -22.63 -6.45 -3.57
C VAL A 296 -22.49 -6.07 -5.04
N THR A 297 -22.39 -4.77 -5.28
CA THR A 297 -22.12 -4.25 -6.62
C THR A 297 -20.65 -4.41 -6.94
N VAL A 298 -20.35 -4.76 -8.18
CA VAL A 298 -18.98 -4.99 -8.64
C VAL A 298 -18.57 -3.78 -9.46
N PRO A 299 -17.61 -2.95 -8.99
CA PRO A 299 -17.08 -1.85 -9.80
C PRO A 299 -16.31 -2.36 -11.03
#